data_4UBS
#
_entry.id   4UBS
#
_cell.length_a   139.897
_cell.length_b   139.897
_cell.length_c   65.268
_cell.angle_alpha   90.000
_cell.angle_beta   90.000
_cell.angle_gamma   120.000
#
_symmetry.space_group_name_H-M   'P 31 2 1'
#
loop_
_entity.id
_entity.type
_entity.pdbx_description
1 polymer 'Pentalenic acid synthase'
2 non-polymer 'PROTOPORPHYRIN IX CONTAINING FE'
3 non-polymer '2-[2,6-DICHLOROPHENYL)AMINO]BENZENEACETIC ACID'
4 non-polymer 'TRIETHYLENE GLYCOL'
5 non-polymer DI(HYDROXYETHYL)ETHER
6 non-polymer 'PHOSPHATE ION'
7 water water
#
_entity_poly.entity_id   1
_entity_poly.type   'polypeptide(L)'
_entity_poly.pdbx_seq_one_letter_code
;APVAFPQDRTCPYDPPTAYDPLREGRPLSRVSLYDGRSVWVVTGHAAARALLSDQRLSSDRTLPRFPATTERFEAVRTRR
VALLGVDDPEHRTQRRMLVPSFTLKRAAALRPRIQETVDGLLDAMEAQGPPAELVSAFALPLPSMVICALLGVPYADHDF
FESQSRRLLRGPGIAEVQDARAQLDDYLYALIDRKRKEPGDGLLDDLIQEQLNRGTVDRAELVSLATLLLIAGHETTANM
ISLGTFTLLRHPEQLAELRAEPGLMPAAVEELLRFLSIADGLLRVATEDIEVAGTTIRADEGVVFATSVINRDAAGFAEP
DALDWHRSARHHVAFGFGIHQCLGQNLARAEMEIALGTLFERLPGLRLAAPADEIPFKPGDTIQGMLELPVTW
;
_entity_poly.pdbx_strand_id   A
#
# COMPACT_ATOMS: atom_id res chain seq x y z
N ALA A 1 7.57 10.55 28.54
CA ALA A 1 7.39 11.13 27.17
C ALA A 1 6.79 10.07 26.26
N PRO A 2 5.60 10.33 25.65
CA PRO A 2 5.13 9.32 24.69
C PRO A 2 6.16 9.10 23.55
N VAL A 3 6.12 7.91 22.96
CA VAL A 3 6.85 7.64 21.72
C VAL A 3 6.28 8.61 20.65
N ALA A 4 7.17 9.28 19.98
CA ALA A 4 6.89 10.09 18.79
C ALA A 4 6.57 9.16 17.61
N PHE A 5 5.51 9.49 16.90
CA PHE A 5 5.07 8.69 15.74
C PHE A 5 4.80 9.58 14.52
N PRO A 6 5.27 9.17 13.33
CA PRO A 6 5.98 7.92 13.09
C PRO A 6 7.45 8.10 13.11
N GLN A 7 8.18 7.00 13.04
CA GLN A 7 9.62 7.06 13.02
C GLN A 7 10.20 6.18 11.89
N ASP A 8 11.39 6.49 11.41
CA ASP A 8 11.96 5.73 10.36
C ASP A 8 12.30 4.35 10.83
N ARG A 9 12.14 3.37 9.94
CA ARG A 9 12.73 2.08 10.18
C ARG A 9 14.22 2.18 10.08
N THR A 10 14.86 1.22 10.69
CA THR A 10 16.27 1.09 10.71
C THR A 10 16.64 -0.17 9.86
N CYS A 11 15.89 -1.23 10.03
CA CYS A 11 15.93 -2.36 9.12
C CYS A 11 14.60 -2.30 8.35
N PRO A 12 14.64 -2.18 7.02
CA PRO A 12 13.42 -1.81 6.26
C PRO A 12 12.26 -2.80 6.40
N TYR A 13 12.53 -4.03 6.82
CA TYR A 13 11.44 -5.01 7.02
C TYR A 13 11.00 -5.25 8.44
N ASP A 14 11.67 -4.60 9.41
CA ASP A 14 11.23 -4.61 10.87
C ASP A 14 10.67 -3.29 11.40
N PRO A 15 9.78 -3.36 12.39
CA PRO A 15 9.39 -2.10 13.04
C PRO A 15 10.57 -1.40 13.63
N PRO A 16 10.55 -0.06 13.64
CA PRO A 16 11.70 0.56 14.31
C PRO A 16 11.80 0.17 15.78
N THR A 17 13.03 0.06 16.25
CA THR A 17 13.35 -0.10 17.65
C THR A 17 12.65 0.97 18.51
N ALA A 18 12.45 2.18 17.98
CA ALA A 18 11.75 3.20 18.76
C ALA A 18 10.33 2.84 19.08
N TYR A 19 9.81 1.79 18.46
CA TYR A 19 8.45 1.32 18.76
C TYR A 19 8.45 0.19 19.81
N ASP A 20 9.60 -0.20 20.31
CA ASP A 20 9.64 -1.18 21.44
C ASP A 20 8.60 -0.90 22.55
N PRO A 21 8.46 0.35 22.97
CA PRO A 21 7.41 0.50 24.02
C PRO A 21 6.03 0.22 23.51
N LEU A 22 5.79 0.39 22.21
CA LEU A 22 4.46 0.08 21.69
C LEU A 22 4.21 -1.43 21.69
N ARG A 23 5.26 -2.21 21.46
CA ARG A 23 5.21 -3.68 21.56
C ARG A 23 4.78 -4.14 22.97
N GLU A 24 5.17 -3.38 23.97
CA GLU A 24 4.85 -3.70 25.38
C GLU A 24 3.61 -2.99 25.87
N GLY A 25 3.13 -1.99 25.14
CA GLY A 25 1.86 -1.37 25.50
C GLY A 25 0.59 -1.99 24.91
N ARG A 26 0.68 -3.14 24.26
CA ARG A 26 -0.46 -3.70 23.54
C ARG A 26 -1.62 -3.79 24.50
N PRO A 27 -2.87 -3.60 24.03
CA PRO A 27 -3.34 -3.40 22.65
C PRO A 27 -3.39 -1.94 22.23
N LEU A 28 -3.24 -1.04 23.20
CA LEU A 28 -3.50 0.37 23.00
C LEU A 28 -2.59 1.35 23.77
N SER A 29 -1.90 2.25 23.09
CA SER A 29 -1.06 3.20 23.78
C SER A 29 -1.35 4.55 23.24
N ARG A 30 -0.57 5.53 23.70
CA ARG A 30 -0.67 6.87 23.25
C ARG A 30 0.67 7.19 22.60
N VAL A 31 0.64 8.16 21.72
CA VAL A 31 1.80 8.45 20.95
C VAL A 31 1.73 9.93 20.62
N SER A 32 2.88 10.53 20.32
CA SER A 32 2.90 11.96 19.88
C SER A 32 3.22 12.15 18.41
N LEU A 33 2.36 12.89 17.74
CA LEU A 33 2.53 13.25 16.35
C LEU A 33 3.44 14.46 16.25
N TYR A 34 3.65 14.90 15.01
CA TYR A 34 4.75 15.79 14.66
C TYR A 34 4.57 17.15 15.27
N ASP A 35 3.33 17.59 15.44
CA ASP A 35 3.02 18.90 16.00
C ASP A 35 2.84 18.77 17.51
N GLY A 36 3.27 17.68 18.12
CA GLY A 36 3.05 17.49 19.54
C GLY A 36 1.72 16.86 19.91
N ARG A 37 0.74 16.84 19.03
CA ARG A 37 -0.52 16.30 19.42
C ARG A 37 -0.37 14.86 19.87
N SER A 38 -1.22 14.50 20.82
CA SER A 38 -1.23 13.21 21.42
C SER A 38 -2.41 12.41 20.84
N VAL A 39 -2.16 11.15 20.47
CA VAL A 39 -3.27 10.31 19.92
C VAL A 39 -3.13 8.89 20.30
N TRP A 40 -4.20 8.15 20.07
CA TRP A 40 -4.15 6.72 20.33
C TRP A 40 -3.37 5.98 19.23
N VAL A 41 -2.45 5.09 19.61
CA VAL A 41 -1.99 4.05 18.70
C VAL A 41 -2.60 2.69 18.99
N VAL A 42 -2.98 1.98 17.94
CA VAL A 42 -3.52 0.60 18.10
C VAL A 42 -2.42 -0.33 17.75
N THR A 43 -2.11 -1.21 18.70
CA THR A 43 -0.97 -2.09 18.60
C THR A 43 -1.30 -3.58 18.79
N GLY A 44 -2.53 -3.89 19.16
CA GLY A 44 -2.98 -5.29 19.30
C GLY A 44 -3.90 -5.76 18.15
N HIS A 45 -3.79 -7.04 17.85
CA HIS A 45 -4.40 -7.67 16.67
C HIS A 45 -5.89 -7.70 16.82
N ALA A 46 -6.34 -8.13 17.99
CA ALA A 46 -7.76 -8.20 18.21
C ALA A 46 -8.36 -6.84 18.25
N ALA A 47 -7.66 -5.90 18.88
CA ALA A 47 -8.23 -4.56 18.97
C ALA A 47 -8.20 -3.88 17.55
N ALA A 48 -7.14 -4.08 16.81
CA ALA A 48 -7.12 -3.50 15.44
C ALA A 48 -8.32 -3.96 14.65
N ARG A 49 -8.61 -5.25 14.78
CA ARG A 49 -9.70 -5.82 13.98
C ARG A 49 -11.03 -5.33 14.40
N ALA A 50 -11.26 -5.29 15.73
CA ALA A 50 -12.48 -4.66 16.27
C ALA A 50 -12.66 -3.24 15.78
N LEU A 51 -11.60 -2.46 15.93
CA LEU A 51 -11.72 -1.05 15.64
C LEU A 51 -11.84 -0.74 14.16
N LEU A 52 -11.19 -1.55 13.32
CA LEU A 52 -11.25 -1.25 11.84
C LEU A 52 -12.59 -1.65 11.30
N SER A 53 -13.36 -2.36 12.12
CA SER A 53 -14.74 -2.71 11.71
C SER A 53 -15.80 -1.80 12.33
N ASP A 54 -15.41 -0.76 13.03
CA ASP A 54 -16.38 -0.02 13.88
C ASP A 54 -16.75 1.23 13.18
N GLN A 55 -18.00 1.38 12.80
CA GLN A 55 -18.43 2.55 12.04
C GLN A 55 -18.27 3.89 12.83
N ARG A 56 -17.92 3.81 14.12
CA ARG A 56 -17.62 4.99 14.96
C ARG A 56 -16.22 5.53 14.76
N LEU A 57 -15.38 4.83 13.97
CA LEU A 57 -14.22 5.48 13.43
C LEU A 57 -14.45 5.97 11.98
N SER A 58 -13.90 7.17 11.69
CA SER A 58 -14.09 7.85 10.39
C SER A 58 -12.76 7.92 9.73
N SER A 59 -12.80 7.82 8.41
CA SER A 59 -11.59 7.92 7.56
C SER A 59 -11.61 9.22 6.77
N ASP A 60 -12.61 10.02 7.05
CA ASP A 60 -12.72 11.28 6.34
C ASP A 60 -11.76 12.32 6.96
N ARG A 61 -10.69 12.58 6.22
CA ARG A 61 -9.61 13.39 6.74
C ARG A 61 -9.91 14.90 6.84
N THR A 62 -11.02 15.34 6.26
CA THR A 62 -11.48 16.71 6.33
C THR A 62 -12.20 17.04 7.66
N LEU A 63 -12.53 16.04 8.45
CA LEU A 63 -13.08 16.30 9.76
C LEU A 63 -12.12 17.14 10.62
N PRO A 64 -12.68 18.08 11.43
CA PRO A 64 -11.87 19.02 12.23
C PRO A 64 -10.79 18.37 13.02
N ARG A 65 -11.09 17.28 13.70
CA ARG A 65 -10.08 16.66 14.55
C ARG A 65 -9.31 15.49 13.92
N PHE A 66 -9.49 15.24 12.62
CA PHE A 66 -8.75 14.13 11.99
C PHE A 66 -7.24 14.31 12.24
N PRO A 67 -6.52 13.25 12.60
CA PRO A 67 -5.10 13.38 12.83
C PRO A 67 -4.23 13.60 11.60
N ALA A 68 -3.20 14.43 11.77
CA ALA A 68 -2.27 14.68 10.70
C ALA A 68 -0.93 14.28 11.22
N THR A 69 -0.27 13.42 10.45
CA THR A 69 1.04 12.88 10.84
C THR A 69 2.19 13.64 10.19
N THR A 70 1.85 14.53 9.29
CA THR A 70 2.88 15.37 8.67
C THR A 70 2.22 16.72 8.37
N GLU A 71 3.05 17.73 8.27
CA GLU A 71 2.66 19.07 7.82
C GLU A 71 2.04 19.04 6.43
N ARG A 72 2.71 18.32 5.55
CA ARG A 72 2.26 18.13 4.17
C ARG A 72 0.81 17.64 4.19
N PHE A 73 0.50 16.67 5.06
CA PHE A 73 -0.85 16.06 5.00
C PHE A 73 -1.90 17.03 5.52
N GLU A 74 -1.55 17.64 6.64
CA GLU A 74 -2.38 18.69 7.25
C GLU A 74 -2.80 19.74 6.20
N ALA A 75 -1.89 20.09 5.34
CA ALA A 75 -2.20 21.02 4.25
C ALA A 75 -3.20 20.54 3.19
N VAL A 76 -3.14 19.26 2.80
CA VAL A 76 -4.05 18.84 1.75
C VAL A 76 -5.32 18.25 2.36
N ARG A 77 -5.39 18.08 3.68
CA ARG A 77 -6.55 17.37 4.23
C ARG A 77 -7.89 18.10 4.21
N THR A 78 -7.93 19.32 3.69
CA THR A 78 -9.20 19.97 3.42
C THR A 78 -9.92 19.47 2.19
N ARG A 79 -9.29 18.55 1.47
CA ARG A 79 -9.94 17.89 0.33
C ARG A 79 -10.20 16.42 0.64
N ARG A 80 -11.39 15.97 0.33
CA ARG A 80 -11.77 14.61 0.50
C ARG A 80 -11.08 13.71 -0.50
N VAL A 81 -10.81 12.50 -0.07
CA VAL A 81 -10.35 11.50 -1.05
C VAL A 81 -11.47 10.50 -1.26
N ALA A 82 -11.85 10.32 -2.50
CA ALA A 82 -12.88 9.31 -2.81
C ALA A 82 -12.49 7.92 -2.31
N LEU A 83 -13.53 7.20 -1.87
CA LEU A 83 -13.51 5.83 -1.38
C LEU A 83 -12.79 5.61 -0.10
N LEU A 84 -11.49 5.66 -0.16
CA LEU A 84 -10.73 5.44 1.03
C LEU A 84 -11.05 6.51 2.11
N GLY A 85 -11.29 7.75 1.67
CA GLY A 85 -11.48 8.90 2.58
C GLY A 85 -12.94 9.28 2.81
N VAL A 86 -13.82 8.32 2.60
CA VAL A 86 -15.25 8.55 2.66
C VAL A 86 -15.79 7.44 3.59
N ASP A 87 -16.84 7.76 4.33
CA ASP A 87 -17.51 6.86 5.26
C ASP A 87 -18.78 6.31 4.57
N ASP A 88 -19.30 5.19 5.09
CA ASP A 88 -20.62 4.69 4.65
C ASP A 88 -21.71 5.71 5.03
N PRO A 89 -22.78 5.78 4.26
CA PRO A 89 -23.14 4.98 3.12
C PRO A 89 -22.44 5.34 1.80
N GLU A 90 -21.81 6.50 1.70
CA GLU A 90 -21.22 6.85 0.44
C GLU A 90 -20.05 5.89 0.06
N HIS A 91 -19.30 5.39 1.03
CA HIS A 91 -18.16 4.52 0.75
C HIS A 91 -18.67 3.28 0.01
N ARG A 92 -19.68 2.71 0.61
CA ARG A 92 -20.38 1.58 0.08
C ARG A 92 -20.86 1.75 -1.35
N THR A 93 -21.55 2.80 -1.65
CA THR A 93 -21.95 3.02 -3.04
C THR A 93 -20.75 3.12 -4.00
N GLN A 94 -19.65 3.74 -3.57
CA GLN A 94 -18.47 3.82 -4.44
C GLN A 94 -17.81 2.45 -4.68
N ARG A 95 -17.76 1.68 -3.62
CA ARG A 95 -17.07 0.43 -3.64
C ARG A 95 -17.78 -0.48 -4.65
N ARG A 96 -19.12 -0.43 -4.62
CA ARG A 96 -19.92 -1.30 -5.44
C ARG A 96 -19.73 -1.08 -6.86
N MET A 97 -19.42 0.14 -7.25
CA MET A 97 -19.11 0.40 -8.67
C MET A 97 -17.78 -0.22 -9.07
N LEU A 98 -16.90 -0.51 -8.12
CA LEU A 98 -15.50 -0.88 -8.46
C LEU A 98 -15.25 -2.38 -8.29
N VAL A 99 -15.95 -2.97 -7.34
CA VAL A 99 -15.75 -4.33 -6.94
C VAL A 99 -15.71 -5.35 -8.09
N PRO A 100 -16.59 -5.23 -9.08
CA PRO A 100 -16.54 -6.15 -10.21
C PRO A 100 -15.25 -6.15 -10.97
N SER A 101 -14.49 -5.05 -10.91
CA SER A 101 -13.24 -5.00 -11.64
C SER A 101 -12.11 -5.62 -10.88
N PHE A 102 -12.37 -6.02 -9.63
CA PHE A 102 -11.30 -6.42 -8.71
C PHE A 102 -11.54 -7.77 -7.99
N THR A 103 -12.40 -8.57 -8.56
CA THR A 103 -12.67 -9.90 -8.06
C THR A 103 -11.47 -10.82 -8.16
N LEU A 104 -11.48 -11.88 -7.37
CA LEU A 104 -10.53 -12.97 -7.51
C LEU A 104 -10.55 -13.58 -8.95
N LYS A 105 -11.73 -13.70 -9.53
CA LYS A 105 -11.84 -14.22 -10.87
C LYS A 105 -11.14 -13.32 -11.90
N ARG A 106 -11.32 -12.01 -11.80
CA ARG A 106 -10.56 -11.08 -12.63
C ARG A 106 -9.10 -11.22 -12.39
N ALA A 107 -8.68 -11.37 -11.14
CA ALA A 107 -7.25 -11.52 -10.91
C ALA A 107 -6.71 -12.79 -11.55
N ALA A 108 -7.44 -13.87 -11.43
CA ALA A 108 -6.95 -15.14 -11.97
C ALA A 108 -6.87 -15.01 -13.49
N ALA A 109 -7.80 -14.29 -14.12
CA ALA A 109 -7.85 -14.17 -15.57
C ALA A 109 -6.72 -13.29 -16.08
N LEU A 110 -6.22 -12.40 -15.24
CA LEU A 110 -5.04 -11.59 -15.61
C LEU A 110 -3.67 -12.26 -15.46
N ARG A 111 -3.60 -13.36 -14.76
CA ARG A 111 -2.32 -13.97 -14.51
C ARG A 111 -1.44 -14.22 -15.79
N PRO A 112 -2.04 -14.71 -16.90
CA PRO A 112 -1.18 -14.98 -18.06
C PRO A 112 -0.49 -13.68 -18.46
N ARG A 113 -1.24 -12.58 -18.43
CA ARG A 113 -0.69 -11.27 -18.82
C ARG A 113 0.32 -10.78 -17.83
N ILE A 114 0.03 -11.00 -16.55
CA ILE A 114 1.00 -10.64 -15.55
C ILE A 114 2.30 -11.39 -15.80
N GLN A 115 2.20 -12.72 -15.96
CA GLN A 115 3.34 -13.58 -16.27
C GLN A 115 4.13 -13.12 -17.48
N GLU A 116 3.42 -12.73 -18.52
CA GLU A 116 4.10 -12.25 -19.73
C GLU A 116 4.80 -10.98 -19.48
N THR A 117 4.20 -10.08 -18.71
CA THR A 117 4.85 -8.83 -18.45
C THR A 117 6.12 -9.02 -17.61
N VAL A 118 6.00 -9.81 -16.57
CA VAL A 118 7.18 -10.17 -15.76
C VAL A 118 8.27 -10.82 -16.62
N ASP A 119 7.90 -11.79 -17.44
CA ASP A 119 8.89 -12.44 -18.35
C ASP A 119 9.60 -11.40 -19.23
N GLY A 120 8.86 -10.40 -19.70
CA GLY A 120 9.44 -9.40 -20.61
C GLY A 120 10.35 -8.46 -19.82
N LEU A 121 9.92 -8.11 -18.63
CA LEU A 121 10.79 -7.34 -17.76
C LEU A 121 12.16 -8.05 -17.37
N LEU A 122 12.10 -9.29 -17.02
CA LEU A 122 13.31 -10.08 -16.64
C LEU A 122 14.14 -10.34 -17.87
N ASP A 123 13.46 -10.52 -19.00
CA ASP A 123 14.16 -10.62 -20.29
C ASP A 123 14.99 -9.38 -20.61
N ALA A 124 14.45 -8.18 -20.39
CA ALA A 124 15.21 -6.97 -20.67
C ALA A 124 16.38 -6.80 -19.71
N MET A 125 16.19 -7.20 -18.45
CA MET A 125 17.23 -7.13 -17.42
C MET A 125 18.39 -8.03 -17.82
N GLU A 126 18.03 -9.22 -18.26
CA GLU A 126 18.96 -10.19 -18.72
C GLU A 126 19.69 -9.78 -20.01
N ALA A 127 18.97 -9.25 -21.01
CA ALA A 127 19.59 -8.63 -22.20
C ALA A 127 20.63 -7.52 -21.89
N GLN A 128 20.34 -6.67 -20.89
CA GLN A 128 21.21 -5.57 -20.60
C GLN A 128 22.37 -6.07 -19.72
N GLY A 129 22.12 -7.08 -18.93
CA GLY A 129 23.12 -7.70 -18.13
C GLY A 129 23.14 -7.04 -16.79
N PRO A 130 23.65 -7.75 -15.78
CA PRO A 130 23.69 -7.19 -14.46
C PRO A 130 24.86 -6.22 -14.35
N PRO A 131 24.84 -5.34 -13.34
CA PRO A 131 23.81 -5.29 -12.36
C PRO A 131 22.53 -4.56 -12.82
N ALA A 132 21.46 -4.73 -12.06
CA ALA A 132 20.26 -3.97 -12.31
C ALA A 132 19.80 -3.17 -11.11
N GLU A 133 19.05 -2.10 -11.39
CA GLU A 133 18.34 -1.38 -10.36
C GLU A 133 16.91 -1.87 -10.36
N LEU A 134 16.65 -2.77 -9.42
CA LEU A 134 15.43 -3.59 -9.46
C LEU A 134 14.15 -2.78 -9.29
N VAL A 135 14.18 -1.63 -8.63
CA VAL A 135 12.90 -0.91 -8.46
C VAL A 135 12.43 -0.40 -9.84
N SER A 136 13.29 0.37 -10.50
CA SER A 136 12.99 0.93 -11.79
C SER A 136 12.92 -0.14 -12.90
N ALA A 137 13.71 -1.22 -12.79
CA ALA A 137 13.74 -2.21 -13.87
C ALA A 137 12.59 -3.23 -13.80
N PHE A 138 11.93 -3.32 -12.65
CA PHE A 138 11.08 -4.48 -12.42
C PHE A 138 9.98 -4.23 -11.45
N ALA A 139 10.35 -3.90 -10.20
CA ALA A 139 9.33 -3.86 -9.08
C ALA A 139 8.24 -2.80 -9.40
N LEU A 140 8.65 -1.68 -10.00
CA LEU A 140 7.72 -0.60 -10.42
C LEU A 140 7.03 -0.84 -11.76
N PRO A 141 7.78 -1.23 -12.81
CA PRO A 141 7.03 -1.30 -14.06
C PRO A 141 5.97 -2.40 -14.08
N LEU A 142 6.15 -3.50 -13.36
CA LEU A 142 5.19 -4.57 -13.44
C LEU A 142 3.83 -4.01 -13.00
N PRO A 143 3.70 -3.56 -11.74
CA PRO A 143 2.40 -3.07 -11.32
C PRO A 143 1.94 -1.81 -12.04
N SER A 144 2.85 -0.94 -12.43
CA SER A 144 2.43 0.27 -13.20
C SER A 144 1.77 -0.07 -14.53
N MET A 145 2.45 -0.92 -15.31
CA MET A 145 1.88 -1.47 -16.53
C MET A 145 0.56 -2.14 -16.35
N VAL A 146 0.46 -2.93 -15.27
CA VAL A 146 -0.79 -3.63 -15.06
C VAL A 146 -1.93 -2.70 -14.67
N ILE A 147 -1.73 -1.76 -13.76
CA ILE A 147 -2.85 -0.89 -13.37
C ILE A 147 -3.20 0.06 -14.52
N CYS A 148 -2.21 0.45 -15.31
CA CYS A 148 -2.50 1.28 -16.48
C CYS A 148 -3.47 0.58 -17.43
N ALA A 149 -3.17 -0.68 -17.73
CA ALA A 149 -4.05 -1.48 -18.60
C ALA A 149 -5.41 -1.67 -17.98
N LEU A 150 -5.42 -2.02 -16.71
CA LEU A 150 -6.72 -2.20 -16.07
C LEU A 150 -7.56 -0.89 -16.05
N LEU A 151 -6.94 0.24 -15.77
CA LEU A 151 -7.70 1.52 -15.68
C LEU A 151 -7.97 2.17 -17.02
N GLY A 152 -7.14 1.86 -18.01
CA GLY A 152 -7.20 2.55 -19.30
C GLY A 152 -6.35 3.83 -19.27
N VAL A 153 -5.27 3.88 -18.47
CA VAL A 153 -4.36 5.01 -18.48
C VAL A 153 -3.14 4.56 -19.31
N PRO A 154 -2.61 5.44 -20.20
CA PRO A 154 -1.54 4.96 -21.06
C PRO A 154 -0.24 4.86 -20.30
N TYR A 155 0.39 3.67 -20.36
CA TYR A 155 1.66 3.47 -19.69
C TYR A 155 2.71 4.32 -20.34
N ALA A 156 2.44 4.82 -21.55
CA ALA A 156 3.38 5.70 -22.22
C ALA A 156 3.61 6.96 -21.43
N ASP A 157 2.66 7.33 -20.58
CA ASP A 157 2.87 8.53 -19.71
C ASP A 157 3.43 8.25 -18.34
N HIS A 158 4.06 7.10 -18.19
CA HIS A 158 4.44 6.64 -16.83
C HIS A 158 5.51 7.50 -16.23
N ASP A 159 6.40 8.07 -17.03
CA ASP A 159 7.45 8.90 -16.39
C ASP A 159 6.81 10.09 -15.69
N PHE A 160 5.89 10.72 -16.39
CA PHE A 160 5.09 11.80 -15.79
C PHE A 160 4.30 11.34 -14.59
N PHE A 161 3.44 10.32 -14.71
CA PHE A 161 2.56 10.07 -13.60
C PHE A 161 3.29 9.41 -12.42
N GLU A 162 4.34 8.66 -12.70
CA GLU A 162 5.14 8.09 -11.57
C GLU A 162 5.86 9.20 -10.84
N SER A 163 6.41 10.14 -11.59
CA SER A 163 7.06 11.25 -10.95
C SER A 163 6.11 12.06 -10.08
N GLN A 164 4.96 12.40 -10.63
CA GLN A 164 4.01 13.20 -9.85
C GLN A 164 3.49 12.46 -8.62
N SER A 165 3.28 11.12 -8.77
CA SER A 165 2.88 10.25 -7.67
C SER A 165 3.87 10.31 -6.49
N ARG A 166 5.16 10.22 -6.78
CA ARG A 166 6.19 10.36 -5.77
C ARG A 166 6.13 11.74 -5.06
N ARG A 167 6.00 12.81 -5.82
CA ARG A 167 5.98 14.18 -5.24
C ARG A 167 4.72 14.33 -4.40
N LEU A 168 3.63 13.73 -4.87
CA LEU A 168 2.40 13.77 -4.21
C LEU A 168 2.44 13.09 -2.85
N LEU A 169 3.01 11.88 -2.80
CA LEU A 169 3.07 11.11 -1.57
C LEU A 169 4.15 11.63 -0.63
N ARG A 170 5.26 12.09 -1.19
CA ARG A 170 6.41 12.39 -0.34
C ARG A 170 6.79 13.87 -0.13
N GLY A 171 6.25 14.73 -0.96
CA GLY A 171 6.64 16.13 -0.93
C GLY A 171 8.05 16.40 -1.42
N PRO A 172 8.90 16.95 -0.54
CA PRO A 172 8.69 17.15 0.93
C PRO A 172 7.87 18.39 1.41
N GLY A 173 7.80 19.41 0.59
CA GLY A 173 6.99 20.56 0.94
C GLY A 173 5.58 20.54 0.41
N ILE A 174 4.78 21.38 1.04
CA ILE A 174 3.42 21.65 0.65
C ILE A 174 3.37 22.04 -0.81
N ALA A 175 4.30 22.87 -1.27
CA ALA A 175 4.32 23.31 -2.62
C ALA A 175 4.52 22.15 -3.65
N GLU A 176 5.44 21.25 -3.36
CA GLU A 176 5.62 20.06 -4.19
C GLU A 176 4.34 19.24 -4.26
N VAL A 177 3.71 19.00 -3.12
CA VAL A 177 2.50 18.27 -3.12
C VAL A 177 1.39 18.91 -3.95
N GLN A 178 1.20 20.24 -3.80
CA GLN A 178 0.12 20.94 -4.52
C GLN A 178 0.42 20.99 -6.00
N ASP A 179 1.68 21.13 -6.35
CA ASP A 179 2.03 21.18 -7.75
C ASP A 179 1.81 19.79 -8.41
N ALA A 180 2.30 18.76 -7.73
CA ALA A 180 2.09 17.40 -8.25
C ALA A 180 0.59 17.08 -8.43
N ARG A 181 -0.19 17.43 -7.44
CA ARG A 181 -1.62 17.13 -7.52
C ARG A 181 -2.33 17.89 -8.63
N ALA A 182 -1.96 19.14 -8.81
CA ALA A 182 -2.53 19.90 -9.90
C ALA A 182 -2.17 19.33 -11.28
N GLN A 183 -0.92 18.96 -11.45
CA GLN A 183 -0.50 18.37 -12.72
C GLN A 183 -1.22 17.06 -12.92
N LEU A 184 -1.36 16.28 -11.87
CA LEU A 184 -2.06 14.98 -12.05
C LEU A 184 -3.55 15.17 -12.34
N ASP A 185 -4.17 16.06 -11.58
CA ASP A 185 -5.57 16.40 -11.77
C ASP A 185 -5.85 16.85 -13.19
N ASP A 186 -5.01 17.70 -13.73
CA ASP A 186 -5.23 18.28 -15.04
C ASP A 186 -5.02 17.17 -16.07
N TYR A 187 -4.02 16.30 -15.83
CA TYR A 187 -3.83 15.12 -16.68
C TYR A 187 -5.04 14.23 -16.69
N LEU A 188 -5.54 13.92 -15.52
CA LEU A 188 -6.68 13.06 -15.44
C LEU A 188 -8.01 13.67 -15.90
N TYR A 189 -8.23 14.99 -15.67
CA TYR A 189 -9.40 15.67 -16.27
C TYR A 189 -9.31 15.62 -17.77
N ALA A 190 -8.13 15.88 -18.35
CA ALA A 190 -8.02 15.78 -19.82
C ALA A 190 -8.30 14.34 -20.28
N LEU A 191 -7.78 13.37 -19.54
CA LEU A 191 -7.98 11.98 -19.98
C LEU A 191 -9.43 11.60 -20.02
N ILE A 192 -10.14 11.88 -18.94
CA ILE A 192 -11.55 11.61 -18.81
C ILE A 192 -12.38 12.35 -19.91
N ASP A 193 -12.04 13.60 -20.15
CA ASP A 193 -12.68 14.33 -21.23
C ASP A 193 -12.46 13.63 -22.59
N ARG A 194 -11.23 13.24 -22.87
CA ARG A 194 -10.92 12.49 -24.10
C ARG A 194 -11.76 11.23 -24.18
N LYS A 195 -11.84 10.50 -23.06
CA LYS A 195 -12.57 9.25 -23.05
C LYS A 195 -14.06 9.39 -23.25
N ARG A 196 -14.61 10.50 -22.79
CA ARG A 196 -16.02 10.82 -23.00
C ARG A 196 -16.35 10.96 -24.48
N LYS A 197 -15.48 11.59 -25.24
CA LYS A 197 -15.68 11.72 -26.68
C LYS A 197 -15.26 10.48 -27.45
N GLU A 198 -14.19 9.82 -27.03
CA GLU A 198 -13.85 8.57 -27.68
C GLU A 198 -13.55 7.47 -26.68
N PRO A 199 -14.56 6.65 -26.28
CA PRO A 199 -14.29 5.66 -25.26
C PRO A 199 -13.17 4.67 -25.61
N GLY A 200 -12.42 4.26 -24.60
CA GLY A 200 -11.43 3.21 -24.75
C GLY A 200 -11.91 2.04 -23.94
N ASP A 201 -10.96 1.19 -23.56
CA ASP A 201 -11.20 0.06 -22.67
C ASP A 201 -10.55 0.42 -21.39
N GLY A 202 -11.10 -0.08 -20.32
CA GLY A 202 -10.54 0.24 -19.05
C GLY A 202 -11.61 0.54 -18.05
N LEU A 203 -11.27 0.37 -16.77
CA LEU A 203 -12.24 0.66 -15.73
C LEU A 203 -12.74 2.14 -15.78
N LEU A 204 -11.84 3.06 -16.07
CA LEU A 204 -12.21 4.46 -16.16
C LEU A 204 -13.31 4.69 -17.22
N ASP A 205 -13.15 4.02 -18.36
CA ASP A 205 -14.17 4.03 -19.42
C ASP A 205 -15.45 3.38 -18.90
N ASP A 206 -15.36 2.27 -18.15
CA ASP A 206 -16.60 1.69 -17.60
C ASP A 206 -17.27 2.69 -16.62
N LEU A 207 -16.49 3.40 -15.82
CA LEU A 207 -17.08 4.31 -14.85
C LEU A 207 -17.75 5.48 -15.58
N ILE A 208 -17.17 5.94 -16.67
CA ILE A 208 -17.71 7.08 -17.40
C ILE A 208 -19.02 6.65 -17.98
N GLN A 209 -19.00 5.51 -18.66
CA GLN A 209 -20.21 5.00 -19.30
C GLN A 209 -21.33 4.61 -18.36
N GLU A 210 -21.02 3.85 -17.31
CA GLU A 210 -22.05 3.10 -16.54
C GLU A 210 -22.38 3.83 -15.28
N GLN A 211 -21.75 4.96 -15.11
CA GLN A 211 -21.87 5.66 -13.86
C GLN A 211 -22.06 7.11 -14.23
N LEU A 212 -21.04 7.77 -14.76
CA LEU A 212 -21.17 9.16 -15.04
C LEU A 212 -22.41 9.31 -15.96
N ASN A 213 -22.50 8.57 -17.05
CA ASN A 213 -23.58 8.90 -17.97
C ASN A 213 -24.97 8.51 -17.46
N ARG A 214 -25.04 7.82 -16.33
CA ARG A 214 -26.25 7.72 -15.48
C ARG A 214 -26.42 8.86 -14.47
N GLY A 215 -25.44 9.77 -14.33
CA GLY A 215 -25.38 10.83 -13.29
C GLY A 215 -24.98 10.32 -11.92
N THR A 216 -24.32 9.18 -11.82
CA THR A 216 -24.10 8.51 -10.53
C THR A 216 -22.84 9.02 -9.77
N VAL A 217 -22.01 9.66 -10.58
CA VAL A 217 -20.73 10.20 -10.18
C VAL A 217 -20.61 11.46 -11.07
N ASP A 218 -19.60 12.30 -10.71
CA ASP A 218 -19.11 13.46 -11.42
C ASP A 218 -17.55 13.31 -11.69
N ARG A 219 -17.00 14.30 -12.33
CA ARG A 219 -15.68 14.19 -12.84
C ARG A 219 -14.66 14.30 -11.78
N ALA A 220 -14.93 15.13 -10.76
CA ALA A 220 -14.00 15.25 -9.66
C ALA A 220 -13.83 13.94 -8.86
N GLU A 221 -14.92 13.28 -8.59
CA GLU A 221 -14.96 11.97 -7.97
C GLU A 221 -14.12 10.94 -8.83
N LEU A 222 -14.23 11.00 -10.14
CA LEU A 222 -13.47 10.14 -11.01
C LEU A 222 -11.99 10.40 -10.94
N VAL A 223 -11.62 11.68 -10.88
CA VAL A 223 -10.25 12.02 -10.83
C VAL A 223 -9.64 11.55 -9.51
N SER A 224 -10.41 11.77 -8.44
CA SER A 224 -10.00 11.30 -7.14
C SER A 224 -9.86 9.76 -7.15
N LEU A 225 -10.89 9.00 -7.52
CA LEU A 225 -10.81 7.53 -7.64
C LEU A 225 -9.66 7.11 -8.55
N ALA A 226 -9.50 7.78 -9.69
CA ALA A 226 -8.43 7.41 -10.59
C ALA A 226 -7.04 7.63 -9.99
N THR A 227 -6.88 8.69 -9.23
CA THR A 227 -5.60 8.99 -8.61
C THR A 227 -5.33 7.92 -7.59
N LEU A 228 -6.36 7.61 -6.79
CA LEU A 228 -6.17 6.64 -5.71
C LEU A 228 -5.76 5.22 -6.32
N LEU A 229 -6.48 4.79 -7.32
CA LEU A 229 -6.28 3.47 -7.91
C LEU A 229 -4.94 3.43 -8.64
N LEU A 230 -4.61 4.48 -9.37
CA LEU A 230 -3.34 4.56 -10.13
C LEU A 230 -2.17 4.53 -9.21
N ILE A 231 -2.32 5.23 -8.10
CA ILE A 231 -1.18 5.32 -7.16
C ILE A 231 -1.11 4.13 -6.27
N ALA A 232 -2.19 3.74 -5.65
CA ALA A 232 -2.11 2.55 -4.84
C ALA A 232 -1.74 1.32 -5.72
N GLY A 233 -2.28 1.33 -6.92
CA GLY A 233 -2.03 0.31 -7.86
C GLY A 233 -0.58 0.06 -8.08
N HIS A 234 0.24 1.10 -8.19
CA HIS A 234 1.63 0.89 -8.52
C HIS A 234 2.54 0.97 -7.31
N GLU A 235 2.28 1.87 -6.39
CA GLU A 235 3.19 2.08 -5.26
C GLU A 235 3.28 0.93 -4.27
N THR A 236 2.14 0.45 -3.83
CA THR A 236 2.06 -0.60 -2.81
C THR A 236 2.77 -1.87 -3.33
N THR A 237 2.41 -2.27 -4.55
CA THR A 237 2.95 -3.50 -5.13
C THR A 237 4.40 -3.37 -5.45
N ALA A 238 4.80 -2.21 -5.98
CA ALA A 238 6.20 -2.05 -6.25
C ALA A 238 7.00 -2.19 -4.94
N ASN A 239 6.54 -1.53 -3.89
CA ASN A 239 7.18 -1.62 -2.57
C ASN A 239 7.21 -3.04 -2.01
N MET A 240 6.12 -3.79 -2.21
CA MET A 240 6.07 -5.16 -1.77
C MET A 240 7.07 -5.99 -2.56
N ILE A 241 7.20 -5.77 -3.87
CA ILE A 241 8.14 -6.53 -4.68
C ILE A 241 9.58 -6.16 -4.29
N SER A 242 9.84 -4.89 -4.11
CA SER A 242 11.22 -4.49 -3.87
C SER A 242 11.65 -4.87 -2.44
N LEU A 243 10.80 -4.58 -1.45
CA LEU A 243 11.12 -4.90 -0.08
C LEU A 243 11.05 -6.37 0.13
N GLY A 244 10.12 -7.04 -0.56
CA GLY A 244 10.04 -8.48 -0.51
C GLY A 244 11.31 -9.19 -1.00
N THR A 245 11.81 -8.79 -2.17
CA THR A 245 13.06 -9.29 -2.68
C THR A 245 14.20 -9.04 -1.64
N PHE A 246 14.30 -7.83 -1.12
CA PHE A 246 15.35 -7.50 -0.16
C PHE A 246 15.27 -8.42 1.06
N THR A 247 14.09 -8.55 1.61
CA THR A 247 13.82 -9.43 2.73
C THR A 247 14.18 -10.85 2.43
N LEU A 248 13.80 -11.32 1.24
CA LEU A 248 14.06 -12.72 0.95
C LEU A 248 15.56 -12.94 0.82
N LEU A 249 16.25 -11.97 0.24
CA LEU A 249 17.70 -12.12 0.04
C LEU A 249 18.42 -12.17 1.43
N ARG A 250 17.80 -11.59 2.45
CA ARG A 250 18.40 -11.47 3.78
C ARG A 250 17.95 -12.62 4.66
N HIS A 251 17.18 -13.55 4.10
CA HIS A 251 16.73 -14.71 4.82
C HIS A 251 16.98 -15.92 3.92
N PRO A 252 18.25 -16.21 3.70
CA PRO A 252 18.62 -17.25 2.77
C PRO A 252 17.90 -18.57 2.98
N GLU A 253 17.56 -18.91 4.22
CA GLU A 253 17.07 -20.26 4.46
C GLU A 253 15.61 -20.32 4.11
N GLN A 254 14.85 -19.30 4.47
CA GLN A 254 13.47 -19.23 3.98
C GLN A 254 13.43 -19.13 2.42
N LEU A 255 14.30 -18.35 1.86
CA LEU A 255 14.36 -18.27 0.38
C LEU A 255 14.61 -19.64 -0.24
N ALA A 256 15.55 -20.41 0.35
CA ALA A 256 15.86 -21.74 -0.19
C ALA A 256 14.70 -22.67 -0.13
N GLU A 257 13.85 -22.52 0.88
CA GLU A 257 12.70 -23.36 0.88
C GLU A 257 11.75 -23.06 -0.29
N LEU A 258 11.63 -21.78 -0.63
CA LEU A 258 10.65 -21.38 -1.67
C LEU A 258 11.20 -21.87 -2.99
N ARG A 259 12.51 -21.79 -3.11
CA ARG A 259 13.21 -22.35 -4.28
C ARG A 259 12.91 -23.85 -4.50
N ALA A 260 12.74 -24.63 -3.43
CA ALA A 260 12.63 -26.07 -3.55
C ALA A 260 11.19 -26.44 -3.76
N GLU A 261 10.34 -25.63 -3.17
CA GLU A 261 8.92 -25.86 -3.13
C GLU A 261 8.12 -24.58 -3.56
N PRO A 262 8.02 -24.37 -4.88
CA PRO A 262 7.43 -23.15 -5.41
C PRO A 262 5.98 -23.08 -5.09
N GLY A 263 5.38 -24.19 -4.76
CA GLY A 263 4.00 -24.20 -4.24
C GLY A 263 3.76 -23.43 -2.95
N LEU A 264 4.82 -23.09 -2.24
CA LEU A 264 4.74 -22.27 -1.07
C LEU A 264 4.49 -20.78 -1.38
N MET A 265 4.63 -20.39 -2.67
CA MET A 265 4.65 -18.99 -3.03
C MET A 265 3.40 -18.25 -2.56
N PRO A 266 2.18 -18.84 -2.69
CA PRO A 266 1.05 -18.07 -2.13
C PRO A 266 1.18 -17.76 -0.63
N ALA A 267 1.71 -18.74 0.12
CA ALA A 267 1.83 -18.59 1.54
C ALA A 267 2.95 -17.61 1.84
N ALA A 268 3.98 -17.60 1.02
CA ALA A 268 5.07 -16.67 1.26
C ALA A 268 4.68 -15.22 1.03
N VAL A 269 3.84 -14.99 0.03
CA VAL A 269 3.36 -13.65 -0.21
C VAL A 269 2.55 -13.17 1.01
N GLU A 270 1.67 -14.03 1.52
CA GLU A 270 0.84 -13.67 2.65
C GLU A 270 1.69 -13.40 3.86
N GLU A 271 2.75 -14.17 4.02
CA GLU A 271 3.67 -13.96 5.16
C GLU A 271 4.50 -12.75 4.95
N LEU A 272 4.96 -12.51 3.70
CA LEU A 272 5.72 -11.29 3.47
C LEU A 272 4.81 -10.08 3.73
N LEU A 273 3.52 -10.18 3.39
CA LEU A 273 2.62 -9.08 3.61
C LEU A 273 2.61 -8.76 5.14
N ARG A 274 2.37 -9.79 5.95
CA ARG A 274 2.33 -9.64 7.42
C ARG A 274 3.65 -9.11 7.99
N PHE A 275 4.73 -9.70 7.57
CA PHE A 275 5.98 -9.43 8.17
C PHE A 275 6.47 -8.07 7.81
N LEU A 276 6.13 -7.56 6.62
CA LEU A 276 6.72 -6.31 6.17
C LEU A 276 5.83 -5.14 6.55
N SER A 277 4.52 -5.35 6.48
CA SER A 277 3.54 -4.34 6.87
C SER A 277 3.86 -2.95 6.37
N ILE A 278 3.91 -2.79 5.04
CA ILE A 278 4.37 -1.55 4.48
C ILE A 278 3.43 -0.39 4.69
N ALA A 279 2.13 -0.66 4.75
CA ALA A 279 1.17 0.39 4.92
C ALA A 279 0.96 0.58 6.43
N ASP A 280 1.92 1.25 7.08
CA ASP A 280 1.98 1.31 8.54
C ASP A 280 1.56 2.71 9.02
N GLY A 281 0.69 2.80 10.00
CA GLY A 281 0.18 4.06 10.47
C GLY A 281 -1.12 4.48 9.77
N LEU A 282 -2.10 3.59 9.64
CA LEU A 282 -3.43 4.00 9.09
C LEU A 282 -4.11 4.99 10.06
N LEU A 283 -4.93 5.88 9.52
CA LEU A 283 -5.40 7.03 10.26
C LEU A 283 -6.87 7.04 10.28
N ARG A 284 -7.40 7.25 11.49
CA ARG A 284 -8.83 7.49 11.68
C ARG A 284 -9.01 8.55 12.79
N VAL A 285 -10.23 9.07 12.90
CA VAL A 285 -10.70 9.75 14.13
C VAL A 285 -12.02 9.21 14.61
N ALA A 286 -12.10 9.00 15.92
CA ALA A 286 -13.39 8.73 16.55
C ALA A 286 -14.40 9.86 16.34
N THR A 287 -15.62 9.51 15.97
CA THR A 287 -16.72 10.45 15.89
C THR A 287 -17.76 10.20 17.03
N GLU A 288 -17.51 9.23 17.87
CA GLU A 288 -18.29 8.98 19.09
C GLU A 288 -17.37 8.16 19.98
N ASP A 289 -17.80 7.92 21.20
CA ASP A 289 -16.93 7.25 22.12
C ASP A 289 -17.02 5.75 21.81
N ILE A 290 -15.90 5.08 22.06
CA ILE A 290 -15.80 3.67 21.84
C ILE A 290 -15.09 3.09 23.03
N GLU A 291 -15.71 2.10 23.64
CA GLU A 291 -15.06 1.45 24.77
C GLU A 291 -14.30 0.31 24.16
N VAL A 292 -13.06 0.10 24.59
CA VAL A 292 -12.25 -0.94 24.02
C VAL A 292 -11.08 -1.21 24.91
N ALA A 293 -10.72 -2.49 25.03
CA ALA A 293 -9.59 -2.91 25.84
C ALA A 293 -9.59 -2.22 27.21
N GLY A 294 -10.78 -2.05 27.76
CA GLY A 294 -10.99 -1.46 29.10
C GLY A 294 -10.74 0.03 29.21
N THR A 295 -10.58 0.74 28.12
CA THR A 295 -10.53 2.16 28.19
C THR A 295 -11.58 2.72 27.24
N THR A 296 -11.53 4.02 26.98
CA THR A 296 -12.53 4.61 26.15
C THR A 296 -11.76 5.51 25.18
N ILE A 297 -11.96 5.27 23.88
CA ILE A 297 -11.50 6.19 22.85
C ILE A 297 -12.68 7.14 22.72
N ARG A 298 -12.40 8.42 22.90
CA ARG A 298 -13.49 9.36 22.98
C ARG A 298 -13.62 10.09 21.67
N ALA A 299 -14.84 10.55 21.43
CA ALA A 299 -15.14 11.32 20.25
C ALA A 299 -14.06 12.36 20.01
N ASP A 300 -13.62 12.53 18.74
CA ASP A 300 -12.57 13.45 18.31
C ASP A 300 -11.16 13.06 18.67
N GLU A 301 -10.95 11.95 19.30
CA GLU A 301 -9.56 11.57 19.43
C GLU A 301 -9.01 10.90 18.10
N GLY A 302 -7.80 11.24 17.74
CA GLY A 302 -7.08 10.55 16.68
C GLY A 302 -6.74 9.12 17.07
N VAL A 303 -6.85 8.25 16.06
CA VAL A 303 -6.48 6.87 16.21
C VAL A 303 -5.58 6.46 15.04
N VAL A 304 -4.39 5.97 15.36
CA VAL A 304 -3.44 5.58 14.38
C VAL A 304 -3.23 4.09 14.57
N PHE A 305 -3.18 3.34 13.45
CA PHE A 305 -2.97 1.88 13.54
C PHE A 305 -1.59 1.52 13.18
N ALA A 306 -0.80 1.03 14.15
CA ALA A 306 0.58 0.67 13.91
C ALA A 306 0.64 -0.75 13.27
N THR A 307 0.39 -0.80 11.97
CA THR A 307 0.19 -2.06 11.25
C THR A 307 1.34 -3.03 11.52
N SER A 308 2.54 -2.52 11.48
CA SER A 308 3.70 -3.37 11.71
C SER A 308 3.65 -4.03 13.11
N VAL A 309 3.29 -3.26 14.14
CA VAL A 309 3.40 -3.79 15.53
C VAL A 309 2.26 -4.73 15.72
N ILE A 310 1.09 -4.38 15.21
CA ILE A 310 -0.06 -5.23 15.27
C ILE A 310 0.23 -6.61 14.67
N ASN A 311 0.83 -6.64 13.48
CA ASN A 311 1.05 -7.90 12.79
C ASN A 311 2.19 -8.65 13.43
N ARG A 312 2.87 -8.04 14.42
CA ARG A 312 3.84 -8.81 15.24
C ARG A 312 3.27 -9.13 16.64
N ASP A 313 1.98 -8.98 16.83
CA ASP A 313 1.34 -9.38 18.09
C ASP A 313 1.35 -10.90 18.30
N ALA A 314 2.06 -11.40 19.30
CA ALA A 314 2.05 -12.86 19.56
C ALA A 314 0.68 -13.45 19.76
N ALA A 315 -0.29 -12.66 20.19
CA ALA A 315 -1.62 -13.22 20.31
C ALA A 315 -2.20 -13.53 18.93
N GLY A 316 -1.63 -12.90 17.93
CA GLY A 316 -2.10 -13.05 16.58
C GLY A 316 -1.34 -14.14 15.89
N PHE A 317 -0.04 -14.28 16.16
CA PHE A 317 0.84 -15.14 15.39
C PHE A 317 1.90 -15.71 16.31
N ALA A 318 2.02 -17.02 16.33
CA ALA A 318 3.02 -17.66 17.14
C ALA A 318 4.40 -17.30 16.59
N GLU A 319 5.33 -16.87 17.44
CA GLU A 319 6.68 -16.50 16.99
C GLU A 319 6.51 -15.43 15.91
N PRO A 320 5.86 -14.32 16.28
CA PRO A 320 5.42 -13.31 15.31
C PRO A 320 6.59 -12.65 14.61
N ASP A 321 7.77 -12.68 15.23
CA ASP A 321 8.94 -12.01 14.66
C ASP A 321 9.85 -12.89 13.83
N ALA A 322 9.44 -14.15 13.72
CA ALA A 322 9.98 -15.05 12.74
C ALA A 322 9.27 -14.91 11.33
N LEU A 323 10.09 -15.00 10.28
CA LEU A 323 9.62 -15.07 8.91
C LEU A 323 9.41 -16.52 8.64
N ASP A 324 8.17 -16.95 8.52
CA ASP A 324 7.87 -18.39 8.41
C ASP A 324 6.77 -18.76 7.43
N TRP A 325 7.04 -19.73 6.56
CA TRP A 325 6.06 -20.06 5.53
C TRP A 325 5.01 -21.08 5.96
N HIS A 326 5.04 -21.55 7.19
CA HIS A 326 4.17 -22.68 7.58
C HIS A 326 3.19 -22.33 8.73
N ARG A 327 3.49 -21.33 9.53
CA ARG A 327 2.53 -20.85 10.52
C ARG A 327 1.69 -19.85 9.80
N SER A 328 0.40 -20.15 9.63
CA SER A 328 -0.55 -19.28 8.97
C SER A 328 -0.41 -17.77 9.24
N ALA A 329 -0.44 -16.96 8.18
CA ALA A 329 -0.45 -15.50 8.27
C ALA A 329 -1.86 -15.01 8.05
N ARG A 330 -2.81 -15.93 7.90
CA ARG A 330 -4.15 -15.48 7.69
C ARG A 330 -4.50 -14.58 8.90
N HIS A 331 -5.34 -13.60 8.63
CA HIS A 331 -5.84 -12.64 9.59
C HIS A 331 -4.91 -11.47 9.86
N HIS A 332 -3.74 -11.40 9.20
CA HIS A 332 -2.89 -10.20 9.27
C HIS A 332 -3.68 -8.99 8.82
N VAL A 333 -3.20 -7.78 9.10
CA VAL A 333 -3.99 -6.57 8.77
C VAL A 333 -3.18 -5.73 7.79
N ALA A 334 -2.26 -6.34 7.10
CA ALA A 334 -1.44 -5.57 6.17
C ALA A 334 -2.26 -5.03 5.00
N PHE A 335 -3.39 -5.67 4.73
CA PHE A 335 -4.37 -5.14 3.74
C PHE A 335 -5.51 -4.44 4.48
N GLY A 336 -5.30 -4.07 5.74
CA GLY A 336 -6.40 -3.43 6.50
C GLY A 336 -7.39 -4.51 6.83
N PHE A 337 -8.63 -4.12 7.06
CA PHE A 337 -9.69 -4.96 7.61
C PHE A 337 -10.95 -4.17 7.73
N GLY A 338 -12.08 -4.86 7.66
CA GLY A 338 -13.38 -4.19 7.67
C GLY A 338 -13.72 -3.32 6.45
N ILE A 339 -14.43 -2.22 6.70
CA ILE A 339 -14.91 -1.21 5.79
C ILE A 339 -13.91 -0.90 4.62
N HIS A 340 -12.66 -0.57 4.93
CA HIS A 340 -11.74 -0.12 3.90
C HIS A 340 -10.73 -1.18 3.46
N GLN A 341 -11.00 -2.44 3.75
CA GLN A 341 -9.99 -3.48 3.48
C GLN A 341 -9.63 -3.41 1.96
N CYS A 342 -8.39 -3.65 1.67
CA CYS A 342 -7.86 -3.43 0.33
C CYS A 342 -8.76 -3.94 -0.82
N LEU A 343 -9.18 -3.02 -1.66
CA LEU A 343 -9.93 -3.39 -2.85
C LEU A 343 -9.06 -4.22 -3.86
N GLY A 344 -7.76 -4.03 -3.85
CA GLY A 344 -6.89 -4.53 -4.90
C GLY A 344 -6.07 -5.75 -4.54
N GLN A 345 -6.41 -6.33 -3.40
CA GLN A 345 -5.65 -7.36 -2.79
C GLN A 345 -5.59 -8.65 -3.67
N ASN A 346 -6.65 -9.00 -4.36
CA ASN A 346 -6.61 -10.16 -5.24
C ASN A 346 -5.58 -9.94 -6.35
N LEU A 347 -5.60 -8.74 -6.88
CA LEU A 347 -4.66 -8.36 -7.94
C LEU A 347 -3.25 -8.32 -7.43
N ALA A 348 -3.10 -7.70 -6.26
CA ALA A 348 -1.80 -7.53 -5.64
C ALA A 348 -1.14 -8.87 -5.34
N ARG A 349 -1.90 -9.81 -4.81
CA ARG A 349 -1.35 -11.17 -4.59
C ARG A 349 -0.81 -11.84 -5.86
N ALA A 350 -1.59 -11.77 -6.93
CA ALA A 350 -1.19 -12.38 -8.21
C ALA A 350 0.05 -11.71 -8.70
N GLU A 351 0.12 -10.41 -8.61
CA GLU A 351 1.36 -9.70 -9.01
C GLU A 351 2.54 -10.09 -8.21
N MET A 352 2.41 -10.12 -6.89
CA MET A 352 3.56 -10.45 -6.05
C MET A 352 4.00 -11.90 -6.22
N GLU A 353 3.04 -12.82 -6.26
CA GLU A 353 3.38 -14.22 -6.50
C GLU A 353 4.15 -14.41 -7.78
N ILE A 354 3.60 -13.88 -8.85
CA ILE A 354 4.20 -14.09 -10.17
C ILE A 354 5.52 -13.37 -10.25
N ALA A 355 5.57 -12.13 -9.73
CA ALA A 355 6.80 -11.42 -9.89
C ALA A 355 7.94 -12.01 -9.06
N LEU A 356 7.70 -12.18 -7.77
CA LEU A 356 8.75 -12.66 -6.88
C LEU A 356 9.14 -14.08 -7.30
N GLY A 357 8.15 -14.90 -7.59
CA GLY A 357 8.42 -16.31 -7.91
C GLY A 357 9.21 -16.42 -9.19
N THR A 358 8.78 -15.69 -10.21
CA THR A 358 9.52 -15.74 -11.47
C THR A 358 10.90 -15.14 -11.31
N LEU A 359 11.03 -14.05 -10.57
CA LEU A 359 12.30 -13.42 -10.39
C LEU A 359 13.40 -14.45 -9.91
N PHE A 360 13.05 -15.21 -8.89
CA PHE A 360 14.01 -16.07 -8.25
C PHE A 360 14.15 -17.35 -9.05
N GLU A 361 13.11 -17.75 -9.77
CA GLU A 361 13.14 -18.93 -10.65
C GLU A 361 14.09 -18.67 -11.79
N ARG A 362 14.11 -17.42 -12.25
CA ARG A 362 14.83 -17.09 -13.49
C ARG A 362 16.24 -16.60 -13.25
N LEU A 363 16.49 -15.95 -12.13
CA LEU A 363 17.82 -15.46 -11.80
C LEU A 363 18.23 -16.14 -10.50
N PRO A 364 18.56 -17.43 -10.61
CA PRO A 364 18.81 -18.21 -9.39
C PRO A 364 20.06 -17.63 -8.67
N GLY A 365 21.01 -17.08 -9.39
CA GLY A 365 22.11 -16.40 -8.71
C GLY A 365 21.82 -15.07 -7.99
N LEU A 366 20.58 -14.61 -7.91
CA LEU A 366 20.32 -13.19 -7.52
C LEU A 366 20.91 -12.78 -6.18
N ARG A 367 21.52 -11.62 -6.08
CA ARG A 367 21.99 -11.20 -4.80
C ARG A 367 22.13 -9.71 -4.81
N LEU A 368 22.22 -9.13 -3.63
CA LEU A 368 22.48 -7.70 -3.51
C LEU A 368 23.76 -7.33 -4.15
N ALA A 369 23.77 -6.15 -4.77
CA ALA A 369 24.93 -5.63 -5.44
C ALA A 369 25.55 -4.46 -4.67
N ALA A 370 25.05 -4.18 -3.49
CA ALA A 370 25.67 -3.21 -2.63
C ALA A 370 25.45 -3.75 -1.24
N PRO A 371 26.16 -3.22 -0.25
CA PRO A 371 26.00 -3.73 1.08
C PRO A 371 24.60 -3.43 1.52
N ALA A 372 23.99 -4.32 2.30
CA ALA A 372 22.59 -4.20 2.66
C ALA A 372 22.23 -2.89 3.32
N ASP A 373 23.08 -2.48 4.24
CA ASP A 373 22.76 -1.31 5.07
C ASP A 373 23.09 -0.02 4.34
N GLU A 374 23.53 -0.11 3.10
CA GLU A 374 23.68 1.12 2.26
C GLU A 374 22.57 1.33 1.20
N ILE A 375 21.60 0.44 1.14
CA ILE A 375 20.55 0.53 0.16
C ILE A 375 19.40 1.41 0.69
N PRO A 376 19.06 2.51 0.01
CA PRO A 376 18.07 3.39 0.56
C PRO A 376 16.62 2.90 0.48
N PHE A 377 15.88 3.29 1.51
CA PHE A 377 14.50 2.91 1.64
C PHE A 377 13.72 4.11 2.16
N LYS A 378 12.41 4.01 2.12
CA LYS A 378 11.57 5.19 2.30
C LYS A 378 11.48 5.50 3.79
N PRO A 379 11.26 6.78 4.16
CA PRO A 379 11.16 7.23 5.57
C PRO A 379 9.84 6.79 6.21
N GLY A 380 9.65 7.00 7.52
CA GLY A 380 8.48 6.45 8.23
C GLY A 380 7.22 7.27 8.05
N ASP A 381 7.34 8.44 7.44
CA ASP A 381 6.15 9.25 7.13
C ASP A 381 5.43 8.89 5.81
N THR A 382 5.85 7.80 5.17
CA THR A 382 5.11 7.27 4.03
C THR A 382 5.02 5.75 4.03
N ILE A 383 4.41 5.23 2.98
CA ILE A 383 4.31 3.78 2.80
C ILE A 383 5.71 3.20 2.57
N GLN A 384 6.01 2.10 3.26
CA GLN A 384 7.41 1.58 3.35
C GLN A 384 7.78 0.83 2.04
N GLY A 385 9.04 0.88 1.67
CA GLY A 385 9.55 0.18 0.51
C GLY A 385 10.95 0.64 0.16
N MET A 386 11.62 -0.08 -0.76
CA MET A 386 12.94 0.31 -1.21
C MET A 386 12.80 1.51 -2.16
N LEU A 387 13.79 2.41 -2.11
CA LEU A 387 13.88 3.48 -3.07
C LEU A 387 14.67 3.03 -4.27
N GLU A 388 15.70 2.22 -4.03
CA GLU A 388 16.48 1.51 -5.04
C GLU A 388 16.81 0.14 -4.55
N LEU A 389 17.28 -0.74 -5.43
CA LEU A 389 17.62 -2.06 -5.01
C LEU A 389 18.60 -2.67 -5.99
N PRO A 390 19.91 -2.33 -5.83
CA PRO A 390 20.93 -2.84 -6.76
C PRO A 390 21.14 -4.33 -6.59
N VAL A 391 21.01 -5.08 -7.68
CA VAL A 391 21.16 -6.53 -7.62
C VAL A 391 22.04 -7.04 -8.76
N THR A 392 22.57 -8.27 -8.57
CA THR A 392 23.35 -8.93 -9.59
C THR A 392 23.03 -10.40 -9.56
N TRP A 393 23.52 -11.18 -10.52
CA TRP A 393 23.20 -12.60 -10.62
C TRP A 393 24.12 -13.34 -11.59
#